data_1EAY
#
_entry.id   1EAY
#
_cell.length_a   54.500
_cell.length_b   64.200
_cell.length_c   158.000
_cell.angle_alpha   90.00
_cell.angle_beta   90.00
_cell.angle_gamma   90.00
#
_symmetry.space_group_name_H-M   'P 21 21 21'
#
loop_
_entity.id
_entity.type
_entity.pdbx_description
1 polymer CHEY
2 polymer CHEA
3 water water
#
loop_
_entity_poly.entity_id
_entity_poly.type
_entity_poly.pdbx_seq_one_letter_code
_entity_poly.pdbx_strand_id
1 'polypeptide(L)'
;ADKELKFLVVDDFSTMRRIVRNLLKELGFNNVEEAEDGVDALNKLQAGGYGFVISDWNMPNMDGLELLKTIRADGAMSAL
PVLMVTAEAKKENIIAAAQAGASGYVVKPFTAATLEEKLNKIFEKLGM
;
A,B
2 'polypeptide(L)' MSQSPRRIILSRLKAGEVDLLEEELGHLTTLTDVVKGADSLSAILPGDIAEDDITAVLCFVIEADQITFETVEV C,D
#
# COMPACT_ATOMS: atom_id res chain seq x y z
N ALA A 1 -13.69 -24.10 -8.17
CA ALA A 1 -13.85 -25.36 -7.46
C ALA A 1 -12.59 -26.18 -7.52
N ASP A 2 -11.50 -25.52 -7.25
CA ASP A 2 -10.27 -26.22 -7.18
C ASP A 2 -9.96 -26.47 -5.73
N LYS A 3 -10.05 -27.74 -5.36
CA LYS A 3 -9.82 -28.17 -3.98
C LYS A 3 -8.40 -27.87 -3.53
N GLU A 4 -7.62 -27.33 -4.48
CA GLU A 4 -6.25 -26.96 -4.28
C GLU A 4 -6.02 -25.44 -4.40
N LEU A 5 -7.09 -24.68 -4.73
CA LEU A 5 -7.01 -23.22 -4.86
C LEU A 5 -6.22 -22.70 -3.69
N LYS A 6 -5.29 -21.75 -3.96
CA LYS A 6 -4.46 -21.23 -2.91
C LYS A 6 -5.05 -20.12 -2.18
N PHE A 7 -5.47 -20.54 -1.03
CA PHE A 7 -6.09 -19.70 -0.14
C PHE A 7 -5.08 -19.00 0.69
N LEU A 8 -5.07 -17.68 0.58
CA LEU A 8 -4.26 -16.93 1.48
C LEU A 8 -5.30 -16.63 2.49
N VAL A 9 -5.24 -17.35 3.59
CA VAL A 9 -6.17 -17.10 4.66
C VAL A 9 -5.47 -15.97 5.41
N VAL A 10 -5.88 -14.74 5.13
CA VAL A 10 -5.22 -13.62 5.75
C VAL A 10 -5.99 -13.34 6.97
N ASP A 11 -5.33 -13.57 8.05
CA ASP A 11 -5.94 -13.39 9.32
C ASP A 11 -4.86 -13.39 10.29
N ASP A 12 -4.99 -12.64 11.29
CA ASP A 12 -3.94 -12.72 12.22
C ASP A 12 -4.16 -13.84 13.30
N PHE A 13 -5.36 -14.58 13.34
CA PHE A 13 -5.74 -15.67 14.34
C PHE A 13 -5.61 -17.17 13.93
N SER A 14 -4.67 -17.87 14.55
CA SER A 14 -4.35 -19.29 14.32
C SER A 14 -5.44 -20.42 14.39
N THR A 15 -6.18 -20.55 15.49
CA THR A 15 -7.19 -21.62 15.57
C THR A 15 -8.23 -21.57 14.48
N MET A 16 -8.66 -20.32 14.18
CA MET A 16 -9.64 -20.06 13.12
C MET A 16 -9.05 -20.43 11.82
N ARG A 17 -7.85 -19.95 11.66
CA ARG A 17 -7.18 -20.34 10.50
C ARG A 17 -7.29 -21.89 10.46
N ARG A 18 -7.14 -22.56 11.65
CA ARG A 18 -7.22 -24.07 11.81
C ARG A 18 -8.59 -24.75 11.61
N ILE A 19 -9.64 -24.17 12.07
CA ILE A 19 -10.89 -24.83 11.75
C ILE A 19 -11.24 -24.54 10.33
N VAL A 20 -10.96 -23.28 9.88
CA VAL A 20 -11.26 -22.90 8.51
C VAL A 20 -10.63 -23.98 7.73
N ARG A 21 -9.42 -24.23 8.16
CA ARG A 21 -8.63 -25.29 7.61
C ARG A 21 -9.35 -26.65 7.73
N ASN A 22 -9.79 -27.05 8.92
CA ASN A 22 -10.45 -28.37 9.07
C ASN A 22 -11.77 -28.52 8.34
N LEU A 23 -12.51 -27.42 8.23
CA LEU A 23 -13.78 -27.45 7.51
C LEU A 23 -13.49 -27.55 6.05
N LEU A 24 -12.49 -26.74 5.63
CA LEU A 24 -12.11 -26.82 4.25
C LEU A 24 -11.88 -28.30 4.05
N LYS A 25 -11.30 -28.93 5.09
CA LYS A 25 -10.98 -30.37 5.12
C LYS A 25 -12.19 -31.29 5.02
N GLU A 26 -13.08 -31.26 5.99
CA GLU A 26 -14.24 -32.12 5.88
C GLU A 26 -14.97 -31.91 4.57
N LEU A 27 -14.73 -30.76 3.90
CA LEU A 27 -15.35 -30.45 2.62
C LEU A 27 -14.46 -30.86 1.53
N GLY A 28 -13.23 -31.22 1.88
CA GLY A 28 -12.29 -31.57 0.86
C GLY A 28 -11.20 -30.51 0.54
N PHE A 29 -11.26 -29.24 1.01
CA PHE A 29 -10.15 -28.32 0.66
C PHE A 29 -9.03 -28.45 1.66
N ASN A 30 -7.84 -28.65 1.16
CA ASN A 30 -6.72 -28.84 2.08
C ASN A 30 -5.51 -27.90 1.87
N ASN A 31 -5.55 -27.04 0.83
CA ASN A 31 -4.45 -26.12 0.49
C ASN A 31 -4.63 -24.69 1.02
N VAL A 32 -4.21 -24.51 2.24
CA VAL A 32 -4.41 -23.26 2.90
C VAL A 32 -3.16 -22.66 3.49
N GLU A 33 -2.90 -21.38 3.16
CA GLU A 33 -1.76 -20.63 3.71
C GLU A 33 -2.26 -19.54 4.59
N GLU A 34 -1.44 -19.15 5.50
CA GLU A 34 -1.80 -18.17 6.45
C GLU A 34 -0.92 -16.89 6.40
N ALA A 35 -1.53 -15.71 6.53
CA ALA A 35 -0.74 -14.48 6.53
C ALA A 35 -1.26 -13.73 7.66
N GLU A 36 -0.43 -12.87 8.22
CA GLU A 36 -0.89 -12.13 9.32
C GLU A 36 -1.32 -10.70 9.09
N ASP A 37 -0.97 -10.02 7.92
CA ASP A 37 -1.37 -8.58 7.64
C ASP A 37 -1.23 -8.10 6.21
N GLY A 38 -1.69 -6.83 5.96
CA GLY A 38 -1.71 -6.13 4.65
C GLY A 38 -0.30 -5.79 4.07
N VAL A 39 0.65 -5.32 4.88
CA VAL A 39 2.00 -5.05 4.35
C VAL A 39 2.64 -6.41 4.10
N ASP A 40 2.43 -7.36 5.08
CA ASP A 40 2.86 -8.78 5.04
C ASP A 40 2.20 -9.42 3.87
N ALA A 41 0.90 -9.20 3.75
CA ALA A 41 0.18 -9.74 2.64
C ALA A 41 0.62 -9.08 1.37
N LEU A 42 0.77 -7.70 1.38
CA LEU A 42 1.20 -6.85 0.23
C LEU A 42 2.60 -7.18 -0.12
N ASN A 43 3.39 -7.42 0.92
CA ASN A 43 4.72 -7.83 0.69
C ASN A 43 4.63 -9.19 0.04
N LYS A 44 3.86 -10.11 0.72
CA LYS A 44 3.57 -11.48 0.28
C LYS A 44 2.94 -11.53 -1.09
N LEU A 45 2.09 -10.56 -1.35
CA LEU A 45 1.38 -10.42 -2.61
C LEU A 45 2.27 -9.77 -3.64
N GLN A 46 3.25 -8.94 -3.15
CA GLN A 46 4.19 -8.25 -4.04
C GLN A 46 5.04 -9.30 -4.66
N ALA A 47 4.95 -10.46 -4.01
CA ALA A 47 5.53 -11.68 -4.49
C ALA A 47 4.58 -12.16 -5.58
N GLY A 48 3.51 -12.84 -5.16
CA GLY A 48 2.50 -13.34 -6.07
C GLY A 48 2.10 -14.75 -5.71
N GLY A 49 1.34 -15.38 -6.61
CA GLY A 49 0.88 -16.76 -6.45
C GLY A 49 -0.49 -16.88 -5.77
N TYR A 50 -0.89 -15.80 -5.14
CA TYR A 50 -2.16 -15.80 -4.45
C TYR A 50 -3.35 -15.75 -5.36
N GLY A 51 -4.31 -16.64 -5.11
CA GLY A 51 -5.48 -16.66 -5.98
C GLY A 51 -6.75 -16.26 -5.31
N PHE A 52 -6.81 -16.53 -4.05
CA PHE A 52 -7.98 -16.21 -3.36
C PHE A 52 -7.55 -15.58 -2.11
N VAL A 53 -7.97 -14.37 -1.95
CA VAL A 53 -7.63 -13.81 -0.72
C VAL A 53 -8.87 -14.01 0.09
N ILE A 54 -8.73 -14.78 1.17
CA ILE A 54 -9.78 -14.96 2.12
C ILE A 54 -9.16 -14.06 3.12
N SER A 55 -9.57 -12.84 3.01
CA SER A 55 -8.96 -11.88 3.79
C SER A 55 -9.91 -11.46 4.79
N ASP A 56 -9.42 -11.54 5.95
CA ASP A 56 -10.15 -11.06 7.01
C ASP A 56 -10.18 -9.52 6.81
N TRP A 57 -11.21 -8.89 7.22
CA TRP A 57 -11.26 -7.47 6.98
C TRP A 57 -10.16 -6.65 7.68
N ASN A 58 -9.75 -7.10 8.85
CA ASN A 58 -8.85 -6.35 9.65
C ASN A 58 -7.56 -6.96 9.98
N MET A 59 -6.53 -6.11 9.78
CA MET A 59 -5.10 -6.34 10.02
C MET A 59 -4.23 -5.05 10.11
N PRO A 60 -3.12 -5.20 10.78
CA PRO A 60 -2.18 -4.10 10.99
C PRO A 60 -1.30 -3.75 9.76
N ASN A 61 -0.77 -2.47 9.73
CA ASN A 61 0.15 -1.86 8.70
C ASN A 61 -0.53 -1.36 7.43
N MET A 62 -1.53 -2.12 7.08
CA MET A 62 -2.38 -1.89 5.96
C MET A 62 -3.51 -2.92 6.06
N ASP A 63 -4.73 -2.46 6.06
CA ASP A 63 -5.86 -3.35 6.21
C ASP A 63 -6.35 -3.93 4.91
N GLY A 64 -7.47 -4.68 5.03
CA GLY A 64 -8.17 -5.26 3.93
C GLY A 64 -8.43 -4.28 2.76
N LEU A 65 -9.04 -3.11 2.96
CA LEU A 65 -9.30 -2.18 1.82
C LEU A 65 -8.12 -1.37 1.26
N GLU A 66 -7.19 -0.94 2.08
CA GLU A 66 -6.06 -0.15 1.58
C GLU A 66 -5.29 -1.08 0.79
N LEU A 67 -5.35 -2.31 1.32
CA LEU A 67 -4.77 -3.47 0.69
C LEU A 67 -5.49 -3.51 -0.63
N LEU A 68 -6.79 -3.56 -0.57
CA LEU A 68 -7.59 -3.56 -1.77
C LEU A 68 -7.42 -2.28 -2.70
N LYS A 69 -7.23 -1.06 -2.21
CA LYS A 69 -7.11 0.14 -3.12
C LYS A 69 -5.76 0.37 -3.70
N THR A 70 -4.82 -0.06 -2.92
CA THR A 70 -3.50 0.08 -3.33
C THR A 70 -3.36 -0.95 -4.34
N ILE A 71 -4.02 -2.08 -4.01
CA ILE A 71 -4.08 -3.22 -4.89
C ILE A 71 -4.68 -2.68 -6.17
N ARG A 72 -5.72 -1.90 -6.06
CA ARG A 72 -6.35 -1.34 -7.23
C ARG A 72 -5.69 -0.10 -7.98
N ALA A 73 -4.91 0.80 -7.33
CA ALA A 73 -4.29 1.95 -8.04
C ALA A 73 -2.95 1.58 -8.61
N ASP A 74 -2.55 0.38 -8.24
CA ASP A 74 -1.31 -0.19 -8.68
C ASP A 74 -1.57 -0.91 -9.94
N GLY A 75 -0.69 -0.74 -10.90
CA GLY A 75 -0.90 -1.41 -12.15
C GLY A 75 -1.13 -2.90 -12.00
N ALA A 76 -0.14 -3.58 -11.43
CA ALA A 76 -0.12 -5.03 -11.32
C ALA A 76 -1.14 -5.85 -10.51
N MET A 77 -1.65 -5.35 -9.41
CA MET A 77 -2.53 -6.20 -8.64
C MET A 77 -3.96 -5.81 -8.73
N SER A 78 -4.20 -4.77 -9.49
CA SER A 78 -5.51 -4.19 -9.57
C SER A 78 -6.76 -5.10 -9.63
N ALA A 79 -6.67 -6.41 -9.97
CA ALA A 79 -7.93 -7.21 -10.05
C ALA A 79 -8.10 -8.57 -9.24
N LEU A 80 -7.28 -8.79 -8.23
CA LEU A 80 -7.36 -10.01 -7.39
C LEU A 80 -8.73 -10.21 -6.72
N PRO A 81 -9.26 -11.48 -6.60
CA PRO A 81 -10.54 -11.73 -5.90
C PRO A 81 -10.28 -11.74 -4.44
N VAL A 82 -10.96 -10.91 -3.82
CA VAL A 82 -10.76 -10.85 -2.44
C VAL A 82 -12.09 -11.20 -1.87
N LEU A 83 -12.13 -12.29 -1.07
CA LEU A 83 -13.34 -12.75 -0.40
C LEU A 83 -13.17 -12.12 0.90
N MET A 84 -13.88 -11.09 1.10
CA MET A 84 -13.65 -10.52 2.33
C MET A 84 -14.37 -11.44 3.33
N VAL A 85 -13.66 -11.86 4.33
CA VAL A 85 -14.32 -12.65 5.33
C VAL A 85 -14.73 -11.66 6.31
N THR A 86 -15.95 -11.77 6.65
CA THR A 86 -16.48 -10.88 7.57
C THR A 86 -17.17 -11.68 8.70
N ALA A 87 -17.13 -11.13 9.88
CA ALA A 87 -17.75 -11.80 10.98
C ALA A 87 -19.26 -11.69 10.87
N GLU A 88 -19.73 -10.69 10.13
CA GLU A 88 -21.16 -10.47 9.93
C GLU A 88 -21.48 -9.80 8.60
N ALA A 89 -22.65 -10.12 8.05
CA ALA A 89 -23.14 -9.62 6.76
C ALA A 89 -23.60 -8.15 6.75
N LYS A 90 -22.66 -7.18 6.65
CA LYS A 90 -23.02 -5.76 6.68
C LYS A 90 -22.83 -4.98 5.34
N LYS A 91 -23.88 -4.24 5.00
CA LYS A 91 -24.03 -3.42 3.78
C LYS A 91 -22.85 -2.50 3.31
N GLU A 92 -22.35 -1.60 4.15
CA GLU A 92 -21.30 -0.65 3.73
C GLU A 92 -20.01 -1.33 3.45
N ASN A 93 -19.81 -2.41 4.22
CA ASN A 93 -18.66 -3.25 4.07
C ASN A 93 -18.84 -3.90 2.77
N ILE A 94 -20.05 -4.41 2.61
CA ILE A 94 -20.42 -5.02 1.39
C ILE A 94 -20.26 -4.01 0.21
N ILE A 95 -20.68 -2.76 0.37
CA ILE A 95 -20.56 -1.71 -0.67
C ILE A 95 -19.18 -1.07 -0.83
N ALA A 96 -18.54 -0.78 0.26
CA ALA A 96 -17.24 -0.17 0.11
C ALA A 96 -16.41 -1.16 -0.58
N ALA A 97 -16.68 -2.44 -0.20
CA ALA A 97 -15.98 -3.54 -0.78
C ALA A 97 -16.25 -3.46 -2.25
N ALA A 98 -17.51 -3.23 -2.55
CA ALA A 98 -17.94 -3.02 -3.93
C ALA A 98 -17.29 -1.77 -4.64
N GLN A 99 -17.33 -0.56 -4.08
CA GLN A 99 -16.78 0.63 -4.80
C GLN A 99 -15.27 0.69 -4.98
N ALA A 100 -14.55 0.06 -4.06
CA ALA A 100 -13.11 0.06 -4.14
C ALA A 100 -12.69 -1.12 -4.95
N GLY A 101 -13.69 -1.96 -5.35
CA GLY A 101 -13.49 -3.18 -6.14
C GLY A 101 -13.40 -4.60 -5.45
N ALA A 102 -14.07 -4.96 -4.31
CA ALA A 102 -13.98 -6.38 -3.76
C ALA A 102 -14.81 -7.43 -4.51
N SER A 103 -14.49 -8.72 -4.34
CA SER A 103 -15.20 -9.82 -5.03
C SER A 103 -16.40 -10.49 -4.30
N GLY A 104 -16.38 -10.60 -3.02
CA GLY A 104 -17.50 -11.25 -2.39
C GLY A 104 -17.29 -11.24 -0.91
N TYR A 105 -18.22 -11.86 -0.17
CA TYR A 105 -18.07 -11.90 1.28
C TYR A 105 -18.69 -13.20 1.95
N VAL A 106 -18.20 -13.61 3.12
CA VAL A 106 -18.74 -14.78 3.86
C VAL A 106 -18.70 -14.55 5.34
N VAL A 107 -19.60 -15.24 6.05
CA VAL A 107 -19.70 -15.11 7.49
C VAL A 107 -19.31 -16.36 8.32
N LYS A 108 -18.32 -16.22 9.21
CA LYS A 108 -17.90 -17.35 10.06
C LYS A 108 -18.79 -17.38 11.27
N PRO A 109 -18.96 -18.55 11.95
CA PRO A 109 -18.37 -19.80 11.56
C PRO A 109 -19.40 -20.49 10.74
N PHE A 110 -18.95 -21.19 9.82
CA PHE A 110 -19.84 -21.86 8.97
C PHE A 110 -19.61 -23.37 9.10
N THR A 111 -20.58 -24.16 8.66
CA THR A 111 -20.42 -25.58 8.69
C THR A 111 -19.73 -25.81 7.47
N ALA A 112 -19.34 -27.03 7.36
CA ALA A 112 -18.74 -27.45 6.17
C ALA A 112 -19.74 -27.18 5.06
N ALA A 113 -21.01 -27.50 5.34
CA ALA A 113 -22.03 -27.30 4.35
C ALA A 113 -22.19 -25.84 3.83
N THR A 114 -22.14 -24.85 4.72
CA THR A 114 -22.26 -23.45 4.29
C THR A 114 -21.08 -22.89 3.50
N LEU A 115 -19.89 -23.04 4.05
CA LEU A 115 -18.72 -22.54 3.37
C LEU A 115 -18.82 -23.03 1.97
N GLU A 116 -19.32 -24.27 1.89
CA GLU A 116 -19.56 -24.95 0.64
C GLU A 116 -20.35 -24.07 -0.35
N GLU A 117 -21.51 -23.59 0.05
CA GLU A 117 -22.26 -22.75 -0.87
C GLU A 117 -21.67 -21.36 -1.35
N LYS A 118 -20.99 -20.61 -0.47
CA LYS A 118 -20.45 -19.26 -0.80
C LYS A 118 -19.35 -19.28 -1.78
N LEU A 119 -18.53 -20.24 -1.59
CA LEU A 119 -17.44 -20.38 -2.46
C LEU A 119 -17.96 -20.52 -3.85
N ASN A 120 -18.98 -21.37 -3.95
CA ASN A 120 -19.63 -21.67 -5.22
C ASN A 120 -20.05 -20.44 -6.05
N LYS A 121 -20.74 -19.48 -5.45
CA LYS A 121 -21.16 -18.29 -6.18
C LYS A 121 -20.04 -17.35 -6.69
N ILE A 122 -18.94 -17.13 -5.94
CA ILE A 122 -17.87 -16.23 -6.40
C ILE A 122 -17.26 -16.87 -7.57
N PHE A 123 -17.05 -18.13 -7.35
CA PHE A 123 -16.55 -18.93 -8.37
C PHE A 123 -17.44 -18.62 -9.56
N GLU A 124 -18.73 -18.73 -9.31
CA GLU A 124 -19.70 -18.46 -10.36
C GLU A 124 -19.51 -17.12 -11.11
N LYS A 125 -19.61 -15.99 -10.38
CA LYS A 125 -19.52 -14.62 -10.93
C LYS A 125 -18.19 -14.20 -11.58
N LEU A 126 -17.11 -14.73 -11.09
CA LEU A 126 -15.82 -14.34 -11.63
C LEU A 126 -15.51 -15.17 -12.79
N GLY A 127 -16.25 -16.24 -12.84
CA GLY A 127 -16.08 -17.23 -13.87
C GLY A 127 -15.13 -18.29 -13.41
N MET A 128 -15.36 -18.80 -12.21
CA MET A 128 -14.54 -19.84 -11.68
C MET A 128 -15.44 -20.94 -11.13
N ALA B 1 14.64 15.42 15.58
CA ALA B 1 13.53 14.49 15.77
C ALA B 1 12.34 15.20 16.40
N ASP B 2 12.02 16.34 15.80
CA ASP B 2 10.95 17.20 16.22
C ASP B 2 9.63 16.97 15.46
N LYS B 3 8.82 16.08 16.04
CA LYS B 3 7.48 15.63 15.62
C LYS B 3 6.61 16.73 15.01
N GLU B 4 7.04 17.96 15.23
CA GLU B 4 6.36 19.15 14.78
C GLU B 4 7.02 19.77 13.56
N LEU B 5 8.03 19.06 13.06
CA LEU B 5 8.71 19.47 11.88
C LEU B 5 7.66 19.59 10.79
N LYS B 6 7.64 20.75 10.10
CA LYS B 6 6.63 20.95 9.07
C LYS B 6 7.03 20.31 7.80
N PHE B 7 6.33 19.21 7.56
CA PHE B 7 6.51 18.44 6.40
C PHE B 7 5.62 18.92 5.31
N LEU B 8 6.21 19.17 4.17
CA LEU B 8 5.46 19.46 3.00
C LEU B 8 5.58 18.13 2.32
N VAL B 9 4.46 17.43 2.20
CA VAL B 9 4.39 16.13 1.57
C VAL B 9 3.85 16.44 0.21
N VAL B 10 4.75 16.45 -0.71
CA VAL B 10 4.42 16.75 -2.06
C VAL B 10 4.28 15.44 -2.78
N ASP B 11 3.07 15.19 -3.32
CA ASP B 11 2.70 13.99 -4.06
C ASP B 11 1.41 14.26 -4.78
N ASP B 12 1.27 13.77 -5.94
CA ASP B 12 -0.01 13.95 -6.52
C ASP B 12 -0.97 12.76 -6.22
N PHE B 13 -0.52 11.62 -5.58
CA PHE B 13 -1.42 10.43 -5.24
C PHE B 13 -2.00 10.47 -3.88
N SER B 14 -3.30 10.71 -3.86
CA SER B 14 -4.05 10.77 -2.62
C SER B 14 -3.82 9.62 -1.62
N THR B 15 -4.14 8.35 -2.00
CA THR B 15 -4.01 7.15 -1.13
C THR B 15 -2.65 7.03 -0.45
N MET B 16 -1.61 7.31 -1.20
CA MET B 16 -0.29 7.24 -0.62
C MET B 16 -0.03 8.41 0.24
N ARG B 17 -0.39 9.61 -0.25
CA ARG B 17 -0.20 10.72 0.64
C ARG B 17 -0.77 10.27 1.99
N ARG B 18 -1.88 9.47 1.93
CA ARG B 18 -2.65 8.92 3.04
C ARG B 18 -1.97 7.82 3.86
N ILE B 19 -1.59 6.78 3.22
CA ILE B 19 -0.88 5.81 4.03
C ILE B 19 0.32 6.43 4.71
N VAL B 20 1.08 7.30 3.97
CA VAL B 20 2.31 7.97 4.48
C VAL B 20 1.96 8.76 5.67
N ARG B 21 0.91 9.49 5.49
CA ARG B 21 0.34 10.17 6.57
C ARG B 21 0.11 9.12 7.72
N ASN B 22 -0.57 7.98 7.41
CA ASN B 22 -0.86 6.92 8.43
C ASN B 22 0.29 6.32 9.22
N LEU B 23 1.38 6.03 8.53
CA LEU B 23 2.51 5.51 9.23
C LEU B 23 3.13 6.58 10.04
N LEU B 24 3.31 7.80 9.44
CA LEU B 24 3.97 8.90 10.14
C LEU B 24 3.27 9.01 11.44
N LYS B 25 1.94 8.73 11.33
CA LYS B 25 1.00 8.71 12.44
C LYS B 25 1.36 7.61 13.45
N GLU B 26 1.36 6.34 13.00
CA GLU B 26 1.71 5.24 13.89
C GLU B 26 3.03 5.48 14.53
N LEU B 27 3.81 6.39 13.95
CA LEU B 27 5.13 6.74 14.45
C LEU B 27 5.10 7.99 15.28
N GLY B 28 4.05 8.80 15.16
CA GLY B 28 4.03 10.01 15.94
C GLY B 28 4.09 11.35 15.19
N PHE B 29 4.45 11.37 13.90
CA PHE B 29 4.47 12.68 13.23
C PHE B 29 3.13 12.95 12.69
N ASN B 30 2.64 14.12 12.93
CA ASN B 30 1.31 14.39 12.43
C ASN B 30 1.21 15.62 11.52
N ASN B 31 2.17 16.57 11.62
CA ASN B 31 2.16 17.85 10.86
C ASN B 31 2.60 17.74 9.40
N VAL B 32 1.67 17.41 8.57
CA VAL B 32 1.98 17.18 7.19
C VAL B 32 1.13 17.94 6.20
N GLU B 33 1.78 18.66 5.29
CA GLU B 33 1.01 19.33 4.27
C GLU B 33 1.20 18.56 3.03
N GLU B 34 0.35 18.85 2.07
CA GLU B 34 0.41 18.24 0.80
C GLU B 34 0.42 19.33 -0.30
N ALA B 35 1.27 19.19 -1.27
CA ALA B 35 1.24 20.14 -2.36
C ALA B 35 1.09 19.20 -3.44
N GLU B 36 0.66 19.66 -4.61
CA GLU B 36 0.51 18.73 -5.66
C GLU B 36 1.47 18.96 -6.79
N ASP B 37 2.39 20.00 -6.64
CA ASP B 37 3.43 20.33 -7.65
C ASP B 37 4.46 21.42 -7.24
N GLY B 38 5.53 21.59 -8.02
CA GLY B 38 6.62 22.56 -7.68
C GLY B 38 6.33 24.07 -7.77
N VAL B 39 5.70 24.55 -8.86
CA VAL B 39 5.38 25.98 -8.95
C VAL B 39 4.46 26.24 -7.80
N ASP B 40 3.53 25.29 -7.66
CA ASP B 40 2.57 25.29 -6.58
C ASP B 40 3.37 25.31 -5.34
N ALA B 41 4.33 24.43 -5.28
CA ALA B 41 5.15 24.45 -4.11
C ALA B 41 6.04 25.74 -3.99
N LEU B 42 6.53 26.30 -5.11
CA LEU B 42 7.38 27.53 -5.07
C LEU B 42 6.60 28.72 -4.64
N ASN B 43 5.39 28.78 -5.14
CA ASN B 43 4.52 29.81 -4.75
C ASN B 43 4.37 29.58 -3.29
N LYS B 44 4.22 28.30 -2.99
CA LYS B 44 4.08 27.88 -1.63
C LYS B 44 5.29 28.22 -0.82
N LEU B 45 6.46 28.01 -1.36
CA LEU B 45 7.62 28.32 -0.57
C LEU B 45 7.95 29.82 -0.49
N GLN B 46 7.42 30.63 -1.42
CA GLN B 46 7.69 32.06 -1.41
C GLN B 46 7.16 32.72 -0.18
N ALA B 47 6.49 31.95 0.64
CA ALA B 47 5.88 32.41 1.87
C ALA B 47 5.93 31.27 2.87
N GLY B 48 6.96 30.47 2.70
CA GLY B 48 7.07 29.27 3.46
C GLY B 48 7.85 29.29 4.75
N GLY B 49 7.29 28.48 5.63
CA GLY B 49 7.84 28.16 6.93
C GLY B 49 8.17 26.71 6.84
N TYR B 50 8.49 26.34 5.62
CA TYR B 50 8.80 24.98 5.34
C TYR B 50 10.10 24.62 5.95
N GLY B 51 10.14 23.44 6.62
CA GLY B 51 11.37 23.00 7.28
C GLY B 51 11.80 21.60 6.84
N PHE B 52 10.94 20.93 6.13
CA PHE B 52 11.19 19.59 5.70
C PHE B 52 10.26 19.32 4.60
N VAL B 53 10.81 19.06 3.48
CA VAL B 53 9.98 18.74 2.40
C VAL B 53 10.14 17.22 2.19
N ILE B 54 9.02 16.47 2.12
CA ILE B 54 9.03 15.03 1.82
C ILE B 54 8.40 15.07 0.51
N SER B 55 9.22 15.20 -0.44
CA SER B 55 8.65 15.37 -1.68
C SER B 55 8.63 14.09 -2.41
N ASP B 56 7.51 13.80 -3.04
CA ASP B 56 7.52 12.64 -3.87
C ASP B 56 8.31 13.15 -5.03
N TRP B 57 8.88 12.25 -5.72
CA TRP B 57 9.70 12.63 -6.80
C TRP B 57 8.99 13.33 -7.96
N ASN B 58 7.82 12.79 -8.36
CA ASN B 58 7.12 13.25 -9.57
C ASN B 58 5.86 14.07 -9.43
N MET B 59 5.83 15.25 -10.15
CA MET B 59 4.72 16.24 -10.20
C MET B 59 4.78 17.25 -11.37
N PRO B 60 3.62 17.76 -11.80
CA PRO B 60 3.48 18.76 -12.91
C PRO B 60 3.94 20.24 -12.63
N ASN B 61 4.11 21.10 -13.72
CA ASN B 61 4.53 22.56 -13.67
C ASN B 61 5.92 22.91 -13.13
N MET B 62 6.30 22.18 -12.09
CA MET B 62 7.57 22.23 -11.40
C MET B 62 7.71 20.94 -10.57
N ASP B 63 8.63 20.09 -10.97
CA ASP B 63 8.81 18.80 -10.26
C ASP B 63 9.62 18.92 -9.00
N GLY B 64 9.86 17.77 -8.32
CA GLY B 64 10.60 17.72 -7.05
C GLY B 64 12.02 18.37 -7.06
N LEU B 65 12.74 18.22 -8.11
CA LEU B 65 14.05 18.79 -8.07
C LEU B 65 14.20 20.27 -8.53
N GLU B 66 13.46 20.69 -9.58
CA GLU B 66 13.56 22.09 -10.05
C GLU B 66 13.17 22.95 -8.93
N LEU B 67 12.28 22.35 -8.17
CA LEU B 67 11.78 22.90 -6.96
C LEU B 67 12.97 23.09 -6.02
N LEU B 68 13.73 22.06 -5.88
CA LEU B 68 14.92 22.12 -5.05
C LEU B 68 15.99 23.22 -5.50
N LYS B 69 16.27 23.38 -6.81
CA LYS B 69 17.29 24.37 -7.26
C LYS B 69 16.85 25.81 -7.15
N THR B 70 15.58 26.06 -7.51
CA THR B 70 15.12 27.42 -7.43
C THR B 70 15.33 27.82 -6.03
N ILE B 71 15.09 26.83 -5.19
CA ILE B 71 15.27 26.93 -3.77
C ILE B 71 16.70 27.29 -3.46
N ARG B 72 17.61 26.52 -3.93
CA ARG B 72 18.98 26.86 -3.62
C ARG B 72 19.52 28.24 -4.16
N ALA B 73 18.95 28.77 -5.28
CA ALA B 73 19.43 30.04 -5.89
C ALA B 73 18.83 31.35 -5.40
N ASP B 74 17.61 31.28 -4.92
CA ASP B 74 16.96 32.46 -4.45
C ASP B 74 17.64 32.87 -3.17
N GLY B 75 18.44 33.92 -3.22
CA GLY B 75 19.13 34.37 -2.02
C GLY B 75 18.47 33.93 -0.70
N ALA B 76 17.13 33.89 -0.65
CA ALA B 76 16.42 33.51 0.57
C ALA B 76 16.36 31.99 0.91
N MET B 77 15.56 31.25 0.13
CA MET B 77 15.28 29.81 0.26
C MET B 77 16.47 28.85 0.45
N SER B 78 17.61 29.26 -0.04
CA SER B 78 18.87 28.51 -0.02
C SER B 78 19.09 27.22 0.82
N ALA B 79 18.76 27.13 2.11
CA ALA B 79 19.12 25.90 2.84
C ALA B 79 18.08 24.89 3.43
N LEU B 80 16.85 24.80 2.93
CA LEU B 80 15.85 23.83 3.44
C LEU B 80 16.21 22.32 3.25
N PRO B 81 15.83 21.44 4.22
CA PRO B 81 16.04 19.99 4.09
C PRO B 81 14.95 19.41 3.24
N VAL B 82 15.30 18.45 2.47
CA VAL B 82 14.34 17.82 1.61
C VAL B 82 14.55 16.29 1.64
N LEU B 83 13.49 15.47 2.00
CA LEU B 83 13.50 13.94 2.00
C LEU B 83 12.75 13.56 0.81
N MET B 84 13.40 12.93 -0.06
CA MET B 84 12.72 12.57 -1.21
C MET B 84 12.09 11.15 -1.03
N VAL B 85 10.82 10.95 -1.43
CA VAL B 85 10.22 9.63 -1.29
C VAL B 85 10.23 9.10 -2.63
N THR B 86 10.48 7.83 -2.68
CA THR B 86 10.56 7.16 -3.91
C THR B 86 9.89 5.74 -3.83
N ALA B 87 9.24 5.33 -4.89
CA ALA B 87 8.58 4.02 -4.86
C ALA B 87 9.56 2.87 -4.77
N GLU B 88 10.80 3.20 -5.08
CA GLU B 88 11.87 2.25 -5.11
C GLU B 88 13.16 2.90 -4.62
N ALA B 89 14.07 2.09 -4.12
CA ALA B 89 15.34 2.60 -3.70
C ALA B 89 16.27 2.78 -4.90
N LYS B 90 15.99 3.79 -5.75
CA LYS B 90 16.76 4.10 -6.96
C LYS B 90 17.87 5.21 -6.91
N LYS B 91 19.05 4.83 -7.37
CA LYS B 91 20.27 5.64 -7.41
C LYS B 91 20.24 7.15 -7.84
N GLU B 92 19.80 7.44 -9.08
CA GLU B 92 19.83 8.79 -9.69
C GLU B 92 19.03 9.80 -8.98
N ASN B 93 17.95 9.27 -8.47
CA ASN B 93 17.07 10.09 -7.72
C ASN B 93 17.87 10.45 -6.51
N ILE B 94 18.39 9.39 -5.87
CA ILE B 94 19.22 9.52 -4.69
C ILE B 94 20.37 10.56 -4.87
N ILE B 95 21.02 10.57 -6.00
CA ILE B 95 22.09 11.55 -6.17
C ILE B 95 21.67 13.00 -6.50
N ALA B 96 20.85 13.19 -7.56
CA ALA B 96 20.43 14.53 -7.96
C ALA B 96 20.00 15.24 -6.76
N ALA B 97 19.31 14.44 -6.00
CA ALA B 97 18.79 14.86 -4.79
C ALA B 97 19.94 15.37 -4.00
N ALA B 98 20.98 14.62 -3.99
CA ALA B 98 22.11 15.08 -3.22
C ALA B 98 22.90 16.34 -3.73
N GLN B 99 23.15 16.46 -5.02
CA GLN B 99 23.92 17.62 -5.51
C GLN B 99 23.14 18.91 -5.56
N ALA B 100 21.83 18.80 -5.73
CA ALA B 100 21.07 20.00 -5.77
C ALA B 100 20.99 20.47 -4.37
N GLY B 101 21.37 19.57 -3.47
CA GLY B 101 21.35 19.87 -2.07
C GLY B 101 20.26 19.18 -1.24
N ALA B 102 19.73 17.96 -1.60
CA ALA B 102 18.69 17.26 -0.73
C ALA B 102 19.28 16.73 0.56
N SER B 103 18.42 16.27 1.47
CA SER B 103 18.85 15.72 2.77
C SER B 103 18.77 14.15 3.05
N GLY B 104 17.95 13.38 2.33
CA GLY B 104 17.84 11.92 2.57
C GLY B 104 16.70 11.33 1.75
N TYR B 105 16.44 9.97 1.83
CA TYR B 105 15.32 9.30 1.03
C TYR B 105 14.71 7.98 1.70
N VAL B 106 13.55 7.46 1.17
CA VAL B 106 12.84 6.20 1.67
C VAL B 106 11.90 5.56 0.66
N VAL B 107 11.68 4.21 0.82
CA VAL B 107 10.85 3.32 -0.07
C VAL B 107 9.48 2.74 0.39
N LYS B 108 8.41 2.99 -0.37
CA LYS B 108 7.07 2.49 -0.05
C LYS B 108 6.87 1.03 -0.53
N PRO B 109 6.01 0.15 0.13
CA PRO B 109 5.23 0.45 1.30
C PRO B 109 6.07 0.13 2.49
N PHE B 110 5.91 0.85 3.50
CA PHE B 110 6.77 0.51 4.54
C PHE B 110 5.92 0.22 5.73
N THR B 111 6.45 -0.56 6.68
CA THR B 111 5.71 -0.78 7.88
C THR B 111 6.03 0.40 8.72
N ALA B 112 5.29 0.58 9.73
CA ALA B 112 5.63 1.66 10.57
C ALA B 112 7.07 1.49 11.08
N ALA B 113 7.39 0.27 11.52
CA ALA B 113 8.70 0.02 12.07
C ALA B 113 9.80 0.66 11.23
N THR B 114 9.63 0.61 9.93
CA THR B 114 10.57 1.14 8.97
C THR B 114 10.68 2.67 8.78
N LEU B 115 9.57 3.33 8.53
CA LEU B 115 9.66 4.77 8.35
C LEU B 115 10.49 5.35 9.49
N GLU B 116 10.28 4.75 10.67
CA GLU B 116 10.91 5.11 11.91
C GLU B 116 12.42 5.26 11.76
N GLU B 117 13.05 4.21 11.41
CA GLU B 117 14.45 4.36 11.27
C GLU B 117 14.90 5.56 10.38
N LYS B 118 14.29 5.76 9.23
CA LYS B 118 14.75 6.82 8.29
C LYS B 118 14.83 8.26 8.82
N LEU B 119 13.74 8.69 9.31
CA LEU B 119 13.75 10.02 9.78
C LEU B 119 14.88 10.15 10.75
N ASN B 120 15.07 9.06 11.51
CA ASN B 120 16.09 9.03 12.54
C ASN B 120 17.48 9.45 12.07
N LYS B 121 17.91 9.08 10.90
CA LYS B 121 19.22 9.53 10.50
C LYS B 121 19.29 11.02 10.00
N ILE B 122 18.30 11.50 9.28
CA ILE B 122 18.40 12.87 8.79
C ILE B 122 18.59 13.85 9.91
N PHE B 123 17.87 13.57 10.93
CA PHE B 123 17.92 14.34 12.14
C PHE B 123 19.36 14.46 12.60
N GLU B 124 19.97 13.31 12.81
CA GLU B 124 21.36 13.24 13.20
C GLU B 124 22.24 14.22 12.43
N LYS B 125 22.31 14.05 11.12
CA LYS B 125 23.14 14.88 10.23
C LYS B 125 22.90 16.38 10.29
N LEU B 126 21.74 16.81 9.85
CA LEU B 126 21.44 18.24 9.84
C LEU B 126 21.72 18.88 11.16
N GLY B 127 21.76 18.08 12.20
CA GLY B 127 21.99 18.58 13.52
C GLY B 127 20.69 18.80 14.24
N MET B 128 19.66 18.08 13.81
CA MET B 128 18.38 18.19 14.43
C MET B 128 18.07 16.95 15.23
N PRO C 5 -42.13 5.22 -8.01
CA PRO C 5 -41.18 4.38 -7.32
C PRO C 5 -40.31 3.67 -8.31
N ARG C 6 -39.07 3.44 -7.96
CA ARG C 6 -38.21 2.71 -8.85
C ARG C 6 -38.43 1.24 -8.65
N ARG C 7 -38.62 0.57 -9.70
CA ARG C 7 -38.78 -0.83 -9.49
C ARG C 7 -37.49 -1.43 -9.96
N ILE C 8 -37.05 -2.47 -9.25
CA ILE C 8 -35.88 -3.09 -9.72
C ILE C 8 -36.28 -4.34 -10.37
N ILE C 9 -35.83 -4.48 -11.54
CA ILE C 9 -36.21 -5.71 -12.09
C ILE C 9 -34.98 -6.49 -12.27
N LEU C 10 -34.96 -7.67 -11.62
CA LEU C 10 -33.86 -8.62 -11.72
C LEU C 10 -34.33 -9.65 -12.63
N SER C 11 -33.79 -9.56 -13.77
CA SER C 11 -34.20 -10.50 -14.70
C SER C 11 -33.20 -11.57 -14.77
N ARG C 12 -33.68 -12.70 -15.22
CA ARG C 12 -32.86 -13.83 -15.48
C ARG C 12 -32.12 -14.48 -14.31
N LEU C 13 -32.81 -15.04 -13.29
CA LEU C 13 -32.14 -15.71 -12.16
C LEU C 13 -32.13 -17.25 -12.22
N LYS C 14 -31.22 -17.87 -11.44
CA LYS C 14 -31.03 -19.32 -11.40
C LYS C 14 -31.70 -20.10 -10.27
N ALA C 15 -31.67 -21.43 -10.45
CA ALA C 15 -32.22 -22.42 -9.52
C ALA C 15 -31.63 -22.25 -8.16
N GLY C 16 -32.47 -21.95 -7.20
CA GLY C 16 -31.98 -21.72 -5.88
C GLY C 16 -31.52 -20.26 -5.74
N GLU C 17 -31.31 -19.56 -6.89
CA GLU C 17 -30.89 -18.14 -6.92
C GLU C 17 -32.03 -17.26 -6.54
N VAL C 18 -33.22 -17.75 -6.90
CA VAL C 18 -34.42 -17.03 -6.58
C VAL C 18 -34.42 -16.89 -5.09
N ASP C 19 -34.30 -18.05 -4.43
CA ASP C 19 -34.26 -18.17 -2.98
C ASP C 19 -33.07 -17.41 -2.40
N LEU C 20 -31.90 -17.64 -2.98
CA LEU C 20 -30.67 -17.00 -2.58
C LEU C 20 -30.59 -15.47 -2.84
N LEU C 21 -30.88 -15.04 -4.06
CA LEU C 21 -30.82 -13.62 -4.35
C LEU C 21 -31.87 -12.94 -3.56
N GLU C 22 -32.87 -13.75 -3.24
CA GLU C 22 -33.91 -13.28 -2.43
C GLU C 22 -33.23 -13.11 -1.11
N GLU C 23 -32.43 -14.11 -0.79
CA GLU C 23 -31.63 -14.06 0.43
C GLU C 23 -30.57 -12.92 0.40
N GLU C 24 -29.94 -12.62 -0.74
CA GLU C 24 -28.89 -11.57 -0.82
C GLU C 24 -29.43 -10.16 -0.87
N LEU C 25 -30.43 -9.91 -1.72
CA LEU C 25 -30.95 -8.56 -1.79
C LEU C 25 -31.43 -8.24 -0.42
N GLY C 26 -31.83 -9.33 0.28
CA GLY C 26 -32.30 -9.34 1.65
C GLY C 26 -31.26 -8.91 2.69
N HIS C 27 -30.01 -8.82 2.26
CA HIS C 27 -28.92 -8.35 3.10
C HIS C 27 -28.75 -6.83 2.96
N LEU C 28 -28.94 -6.30 1.71
CA LEU C 28 -28.75 -4.87 1.34
C LEU C 28 -29.93 -3.98 1.53
N THR C 29 -31.11 -4.58 1.29
CA THR C 29 -32.37 -3.89 1.28
C THR C 29 -33.53 -4.87 1.56
N THR C 30 -34.77 -4.40 1.41
CA THR C 30 -35.92 -5.25 1.66
C THR C 30 -36.85 -5.30 0.48
N LEU C 31 -37.19 -6.52 0.11
CA LEU C 31 -38.01 -6.78 -1.04
C LEU C 31 -39.41 -7.13 -0.69
N THR C 32 -40.28 -6.51 -1.47
CA THR C 32 -41.70 -6.68 -1.35
C THR C 32 -42.24 -7.08 -2.68
N ASP C 33 -43.46 -7.65 -2.70
CA ASP C 33 -44.11 -8.04 -3.93
C ASP C 33 -43.17 -8.96 -4.60
N VAL C 34 -42.72 -9.89 -3.78
CA VAL C 34 -41.75 -10.81 -4.23
C VAL C 34 -42.32 -11.81 -5.14
N VAL C 35 -42.21 -11.50 -6.38
CA VAL C 35 -42.68 -12.44 -7.31
C VAL C 35 -41.55 -13.38 -7.57
N LYS C 36 -41.69 -14.58 -6.97
CA LYS C 36 -40.76 -15.69 -7.15
C LYS C 36 -41.22 -16.48 -8.32
N GLY C 37 -40.88 -16.03 -9.50
CA GLY C 37 -41.27 -16.75 -10.66
C GLY C 37 -40.44 -17.98 -10.70
N ALA C 38 -40.59 -18.72 -11.72
CA ALA C 38 -39.75 -19.86 -11.73
C ALA C 38 -38.32 -19.35 -11.69
N ASP C 39 -38.10 -18.21 -12.40
CA ASP C 39 -36.77 -17.63 -12.60
C ASP C 39 -36.70 -16.14 -12.40
N SER C 40 -37.64 -15.56 -11.75
CA SER C 40 -37.46 -14.15 -11.70
C SER C 40 -37.77 -13.69 -10.39
N LEU C 41 -37.31 -12.50 -10.22
CA LEU C 41 -37.43 -11.80 -9.02
C LEU C 41 -37.63 -10.33 -9.32
N SER C 42 -38.77 -9.94 -8.98
CA SER C 42 -39.05 -8.59 -9.13
C SER C 42 -39.46 -8.30 -7.80
N ALA C 43 -39.27 -7.08 -7.52
CA ALA C 43 -39.60 -6.58 -6.28
C ALA C 43 -39.49 -5.10 -6.38
N ILE C 44 -40.23 -4.48 -5.56
CA ILE C 44 -40.11 -3.10 -5.62
C ILE C 44 -38.95 -2.72 -4.72
N LEU C 45 -38.27 -1.62 -5.13
CA LEU C 45 -37.07 -1.03 -4.51
C LEU C 45 -37.31 0.28 -3.79
N PRO C 46 -36.79 0.34 -2.60
CA PRO C 46 -36.90 1.48 -1.74
C PRO C 46 -36.18 2.83 -2.17
N GLY C 47 -34.98 2.82 -2.70
CA GLY C 47 -34.28 4.08 -3.08
C GLY C 47 -33.23 4.49 -2.03
N ASP C 48 -32.99 3.53 -1.10
CA ASP C 48 -32.09 3.62 0.02
C ASP C 48 -30.64 3.46 -0.33
N ILE C 49 -30.38 3.26 -1.56
CA ILE C 49 -29.04 3.13 -1.93
C ILE C 49 -28.88 3.73 -3.29
N ALA C 50 -27.80 4.49 -3.47
CA ALA C 50 -27.59 5.17 -4.72
C ALA C 50 -27.68 4.16 -5.76
N GLU C 51 -28.39 4.53 -6.78
CA GLU C 51 -28.54 3.61 -7.84
C GLU C 51 -27.19 3.07 -8.18
N ASP C 52 -26.23 4.00 -8.28
CA ASP C 52 -24.83 3.70 -8.53
C ASP C 52 -24.24 2.66 -7.50
N ASP C 53 -24.80 2.55 -6.29
CA ASP C 53 -24.24 1.57 -5.37
C ASP C 53 -24.95 0.20 -5.37
N ILE C 54 -26.28 0.19 -5.58
CA ILE C 54 -27.01 -1.10 -5.57
C ILE C 54 -26.42 -1.86 -6.65
N THR C 55 -26.25 -1.08 -7.69
CA THR C 55 -25.65 -1.55 -8.86
C THR C 55 -24.36 -2.22 -8.44
N ALA C 56 -23.55 -1.46 -7.73
CA ALA C 56 -22.29 -2.00 -7.31
C ALA C 56 -22.34 -3.35 -6.56
N VAL C 57 -23.26 -3.60 -5.62
CA VAL C 57 -23.27 -4.89 -4.85
C VAL C 57 -23.96 -6.10 -5.46
N LEU C 58 -25.04 -5.87 -6.14
CA LEU C 58 -25.73 -6.98 -6.73
C LEU C 58 -24.75 -7.53 -7.67
N CYS C 59 -23.97 -6.57 -8.15
CA CYS C 59 -22.89 -6.76 -9.02
C CYS C 59 -21.89 -7.75 -8.41
N PHE C 60 -22.10 -8.23 -7.18
CA PHE C 60 -21.27 -9.31 -6.62
C PHE C 60 -21.80 -10.66 -7.11
N VAL C 61 -23.08 -10.71 -7.44
CA VAL C 61 -23.70 -11.96 -7.86
C VAL C 61 -24.24 -11.91 -9.27
N ILE C 62 -24.64 -10.70 -9.70
CA ILE C 62 -25.28 -10.37 -10.97
C ILE C 62 -24.59 -9.15 -11.71
N GLU C 63 -25.11 -8.70 -12.87
CA GLU C 63 -24.49 -7.58 -13.65
C GLU C 63 -25.36 -6.31 -13.92
N ALA C 64 -24.68 -5.16 -14.19
CA ALA C 64 -25.28 -3.81 -14.44
C ALA C 64 -26.47 -3.71 -15.39
N ASP C 65 -26.52 -4.56 -16.35
CA ASP C 65 -27.62 -4.45 -17.25
C ASP C 65 -28.82 -5.35 -16.85
N GLN C 66 -28.61 -6.25 -15.85
CA GLN C 66 -29.64 -7.20 -15.37
C GLN C 66 -30.52 -6.44 -14.51
N ILE C 67 -30.03 -5.22 -14.33
CA ILE C 67 -30.58 -4.24 -13.48
C ILE C 67 -31.19 -3.10 -14.21
N THR C 68 -32.47 -2.99 -14.01
CA THR C 68 -33.13 -1.90 -14.58
C THR C 68 -33.89 -1.26 -13.53
N PHE C 69 -33.84 0.05 -13.63
CA PHE C 69 -34.55 0.94 -12.76
C PHE C 69 -35.63 1.61 -13.58
N GLU C 70 -36.87 1.20 -13.33
CA GLU C 70 -38.01 1.73 -14.03
C GLU C 70 -38.97 2.32 -13.03
N THR C 71 -40.09 2.84 -13.51
CA THR C 71 -41.08 3.44 -12.61
C THR C 71 -42.46 2.76 -12.74
N SER D 4 44.98 4.58 -8.19
CA SER D 4 43.83 4.09 -8.92
C SER D 4 42.48 3.99 -8.22
N PRO D 5 42.08 2.79 -7.72
CA PRO D 5 40.77 2.73 -7.13
C PRO D 5 40.71 3.61 -5.93
N ARG D 6 39.51 4.00 -5.66
CA ARG D 6 39.34 4.75 -4.52
C ARG D 6 38.75 3.83 -3.49
N ARG D 7 39.30 3.91 -2.33
CA ARG D 7 38.68 3.11 -1.37
C ARG D 7 37.91 4.07 -0.59
N ILE D 8 36.77 3.63 -0.21
CA ILE D 8 36.07 4.47 0.64
C ILE D 8 36.41 3.96 2.01
N ILE D 9 37.02 4.81 2.78
CA ILE D 9 37.32 4.34 4.10
C ILE D 9 36.31 4.95 4.97
N LEU D 10 35.50 4.08 5.53
CA LEU D 10 34.50 4.48 6.43
C LEU D 10 35.02 4.19 7.77
N SER D 11 35.48 5.25 8.35
CA SER D 11 36.04 5.16 9.63
C SER D 11 35.02 5.42 10.66
N ARG D 12 35.22 4.75 11.78
CA ARG D 12 34.44 4.92 12.94
C ARG D 12 32.97 4.59 12.84
N LEU D 13 32.65 3.31 12.62
CA LEU D 13 31.25 2.84 12.55
C LEU D 13 30.69 2.16 13.81
N LYS D 14 29.36 2.13 13.90
CA LYS D 14 28.64 1.54 15.02
C LYS D 14 28.25 0.10 14.81
N ALA D 15 27.70 -0.51 15.88
CA ALA D 15 27.25 -1.89 15.82
C ALA D 15 26.08 -2.03 14.86
N GLY D 16 26.21 -2.90 13.87
CA GLY D 16 25.12 -3.05 12.91
C GLY D 16 25.16 -1.98 11.84
N GLU D 17 25.79 -0.84 12.14
CA GLU D 17 25.95 0.22 11.14
C GLU D 17 26.74 -0.41 10.03
N VAL D 18 27.49 -1.40 10.47
CA VAL D 18 28.30 -2.20 9.62
C VAL D 18 27.40 -2.91 8.68
N ASP D 19 26.41 -3.59 9.25
CA ASP D 19 25.44 -4.35 8.46
C ASP D 19 24.56 -3.44 7.61
N LEU D 20 24.17 -2.34 8.18
CA LEU D 20 23.36 -1.37 7.49
C LEU D 20 24.02 -0.58 6.34
N LEU D 21 25.18 0.06 6.60
CA LEU D 21 25.85 0.85 5.58
C LEU D 21 26.22 -0.07 4.50
N GLU D 22 26.33 -1.32 4.97
CA GLU D 22 26.58 -2.43 4.12
C GLU D 22 25.39 -2.47 3.18
N GLU D 23 24.24 -2.49 3.78
CA GLU D 23 23.02 -2.47 3.00
C GLU D 23 22.81 -1.18 2.14
N GLU D 24 23.15 0.00 2.69
CA GLU D 24 22.95 1.26 1.96
C GLU D 24 23.94 1.54 0.86
N LEU D 25 25.19 1.21 1.08
CA LEU D 25 26.09 1.44 0.01
C LEU D 25 25.62 0.63 -1.16
N GLY D 26 24.94 -0.47 -0.76
CA GLY D 26 24.33 -1.50 -1.60
C GLY D 26 23.29 -1.05 -2.59
N HIS D 27 22.63 0.04 -2.31
CA HIS D 27 21.63 0.57 -3.21
C HIS D 27 22.18 1.55 -4.23
N LEU D 28 23.39 2.06 -3.97
CA LEU D 28 24.02 3.09 -4.77
C LEU D 28 25.03 2.57 -5.67
N THR D 29 25.61 1.48 -5.20
CA THR D 29 26.74 0.81 -5.80
C THR D 29 26.87 -0.61 -5.20
N THR D 30 27.89 -1.30 -5.56
CA THR D 30 28.01 -2.63 -5.02
C THR D 30 29.28 -2.73 -4.20
N LEU D 31 29.20 -3.36 -3.02
CA LEU D 31 30.35 -3.45 -2.13
C LEU D 31 31.14 -4.72 -2.17
N THR D 32 32.44 -4.53 -2.04
CA THR D 32 33.36 -5.64 -2.05
C THR D 32 34.39 -5.51 -0.94
N ASP D 33 34.91 -6.69 -0.50
CA ASP D 33 35.95 -6.77 0.52
C ASP D 33 35.47 -6.08 1.71
N VAL D 34 34.29 -6.50 2.06
CA VAL D 34 33.59 -5.96 3.16
C VAL D 34 34.23 -6.40 4.42
N VAL D 35 35.09 -5.55 4.91
CA VAL D 35 35.74 -5.88 6.12
C VAL D 35 34.84 -5.42 7.21
N LYS D 36 34.25 -6.43 7.83
CA LYS D 36 33.33 -6.20 8.87
C LYS D 36 34.13 -6.26 10.14
N GLY D 37 34.76 -5.18 10.44
CA GLY D 37 35.49 -5.19 11.63
C GLY D 37 34.46 -4.97 12.69
N ALA D 38 34.90 -4.85 13.88
CA ALA D 38 33.96 -4.54 14.89
C ALA D 38 33.34 -3.19 14.55
N ASP D 39 34.20 -2.12 14.33
CA ASP D 39 33.72 -0.75 14.07
C ASP D 39 34.12 -0.14 12.73
N SER D 40 34.47 -0.95 11.84
CA SER D 40 34.84 -0.31 10.65
C SER D 40 34.30 -1.06 9.53
N LEU D 41 34.40 -0.36 8.43
CA LEU D 41 33.97 -0.87 7.21
C LEU D 41 34.70 -0.16 6.15
N SER D 42 35.34 -0.98 5.46
CA SER D 42 36.03 -0.50 4.36
C SER D 42 35.51 -1.42 3.33
N ALA D 43 35.55 -0.91 2.13
CA ALA D 43 35.10 -1.62 0.98
C ALA D 43 35.62 -0.84 -0.19
N ILE D 44 35.83 -1.54 -1.26
CA ILE D 44 36.32 -0.83 -2.37
C ILE D 44 35.16 -0.33 -3.17
N LEU D 45 35.38 0.85 -3.80
CA LEU D 45 34.39 1.57 -4.62
C LEU D 45 34.61 1.48 -6.10
N PRO D 46 33.52 1.58 -6.88
CA PRO D 46 33.59 1.66 -8.33
C PRO D 46 33.62 3.16 -8.71
N GLY D 47 34.13 3.53 -9.89
CA GLY D 47 34.20 4.96 -10.30
C GLY D 47 32.92 5.54 -10.97
N ASP D 48 31.81 4.80 -10.77
CA ASP D 48 30.51 5.08 -11.33
C ASP D 48 29.86 6.32 -10.76
N ILE D 49 30.39 6.79 -9.66
CA ILE D 49 29.78 7.95 -9.11
C ILE D 49 30.80 9.01 -8.85
N ALA D 50 30.45 10.29 -9.05
CA ALA D 50 31.42 11.33 -8.71
C ALA D 50 31.66 11.21 -7.21
N GLU D 51 32.88 11.49 -6.80
CA GLU D 51 33.25 11.39 -5.43
C GLU D 51 32.44 12.37 -4.69
N ASP D 52 32.34 13.54 -5.35
CA ASP D 52 31.54 14.69 -4.96
C ASP D 52 30.13 14.19 -4.67
N ASP D 53 29.62 13.29 -5.55
CA ASP D 53 28.28 12.69 -5.45
C ASP D 53 28.13 11.54 -4.38
N ILE D 54 29.11 10.64 -4.26
CA ILE D 54 28.98 9.59 -3.24
C ILE D 54 29.05 10.25 -1.95
N THR D 55 30.01 11.20 -1.93
CA THR D 55 30.28 12.02 -0.81
C THR D 55 28.97 12.59 -0.47
N ALA D 56 28.36 13.13 -1.48
CA ALA D 56 27.09 13.71 -1.29
C ALA D 56 26.04 12.71 -0.74
N VAL D 57 26.01 11.46 -1.19
CA VAL D 57 24.99 10.49 -0.68
C VAL D 57 25.27 9.80 0.68
N LEU D 58 26.53 9.36 0.88
CA LEU D 58 26.84 8.71 2.14
C LEU D 58 26.67 9.74 3.14
N CYS D 59 26.89 10.98 2.63
CA CYS D 59 26.71 12.12 3.43
C CYS D 59 25.25 12.13 3.88
N PHE D 60 24.38 11.22 3.35
CA PHE D 60 23.05 11.07 3.90
C PHE D 60 23.20 10.31 5.23
N VAL D 61 24.25 9.49 5.39
CA VAL D 61 24.47 8.71 6.64
C VAL D 61 25.69 9.10 7.49
N ILE D 62 26.79 9.55 6.87
CA ILE D 62 27.97 9.94 7.64
C ILE D 62 28.54 11.31 7.22
N GLU D 63 29.75 11.69 7.72
CA GLU D 63 30.41 13.01 7.43
C GLU D 63 31.49 13.03 6.36
N ALA D 64 31.61 14.22 5.72
CA ALA D 64 32.54 14.49 4.61
C ALA D 64 34.02 14.26 4.88
N ASP D 65 34.42 14.33 6.12
CA ASP D 65 35.80 14.09 6.41
C ASP D 65 36.00 12.69 7.00
N GLN D 66 34.90 11.93 7.11
CA GLN D 66 34.89 10.55 7.64
C GLN D 66 35.07 9.62 6.49
N ILE D 67 35.01 10.31 5.40
CA ILE D 67 35.12 9.75 4.14
C ILE D 67 36.39 10.23 3.57
N THR D 68 37.27 9.33 3.40
CA THR D 68 38.45 9.81 2.80
C THR D 68 38.48 9.08 1.57
N PHE D 69 38.92 9.79 0.60
CA PHE D 69 39.09 9.19 -0.65
C PHE D 69 40.53 8.96 -0.69
N GLU D 70 40.84 7.71 -0.53
CA GLU D 70 42.20 7.36 -0.53
C GLU D 70 42.38 6.61 -1.78
N THR D 71 43.37 7.02 -2.54
CA THR D 71 43.67 6.28 -3.71
C THR D 71 44.28 4.99 -3.17
N VAL D 72 43.61 3.87 -3.41
CA VAL D 72 44.07 2.60 -2.92
C VAL D 72 45.43 2.28 -3.51
#